data_4YJV
#
_entry.id   4YJV
#
_cell.length_a   39.460
_cell.length_b   86.940
_cell.length_c   40.430
_cell.angle_alpha   90.000
_cell.angle_beta   92.590
_cell.angle_gamma   90.000
#
_symmetry.space_group_name_H-M   'P 1 21 1'
#
loop_
_entity.id
_entity.type
_entity.pdbx_description
1 polymer 'Tyrosine-protein kinase SYK'
2 non-polymer 3-[6-({4-[ethyl(1H-indazol-4-yl)amino]-5-fluoropyrimidin-2-yl}amino)-2,4-dihydro-1H-indazol-1-yl]propan-1-ol
3 water water
#
_entity_poly.entity_id   1
_entity_poly.type   'polypeptide(L)'
_entity_poly.pdbx_seq_one_letter_code
;PEEIRPKEVYLDRKLLTLEDKELGSGNFGTVKKGYYQMKKVVKTVAVKILKNEANDPALKDELLAEANVMQQLDNPYIVR
MIGICEAESWMLVMEMAELGPLNKYLQQNRHVKDKNIIELVHQVSMGMKYLEESNFVHRDLAARNVLLVTQHYAKISDFG
LSKALRADEN(PTR)(PTR)KAQTHGKWPVKWYAPECINYYKFSSKSDVWSFGVLMWEAFSYGQKPYRGMKGSEVTAMLE
KGERMGCPAGCPREMYDLMNLCWTYDVENRPGFAAVELRLRNYYYDVVN
;
_entity_poly.pdbx_strand_id   A
#
loop_
_chem_comp.id
_chem_comp.type
_chem_comp.name
_chem_comp.formula
4DT non-polymer 3-[6-({4-[ethyl(1H-indazol-4-yl)amino]-5-fluoropyrimidin-2-yl}amino)-2,4-dihydro-1H-indazol-1-yl]propan-1-ol 'C23 H25 F N8 O'
#
# COMPACT_ATOMS: atom_id res chain seq x y z
N TYR A 10 -24.25 3.12 4.61
CA TYR A 10 -23.96 3.99 5.74
C TYR A 10 -24.21 3.24 7.05
N LEU A 11 -23.24 3.31 7.96
CA LEU A 11 -23.25 2.59 9.24
C LEU A 11 -24.03 3.30 10.34
N ASP A 12 -24.49 2.51 11.31
CA ASP A 12 -25.25 2.99 12.46
C ASP A 12 -24.27 3.32 13.59
N ARG A 13 -24.19 4.61 13.98
CA ARG A 13 -23.30 5.04 15.07
C ARG A 13 -23.59 4.29 16.39
N LYS A 14 -24.86 3.91 16.63
CA LYS A 14 -25.27 3.20 17.85
C LYS A 14 -24.62 1.81 17.95
N LEU A 15 -24.26 1.23 16.81
CA LEU A 15 -23.62 -0.10 16.76
C LEU A 15 -22.09 -0.01 16.82
N LEU A 16 -21.53 1.21 16.82
CA LEU A 16 -20.09 1.39 16.86
C LEU A 16 -19.63 1.92 18.21
N THR A 17 -18.59 1.26 18.75
CA THR A 17 -17.88 1.64 19.98
C THR A 17 -16.46 1.92 19.60
N LEU A 18 -15.98 3.10 19.95
CA LEU A 18 -14.62 3.51 19.68
C LEU A 18 -13.82 3.51 20.96
N GLU A 19 -12.60 3.00 20.91
CA GLU A 19 -11.70 3.08 22.07
C GLU A 19 -11.14 4.49 22.14
N ASP A 20 -10.86 5.00 23.35
CA ASP A 20 -10.35 6.37 23.52
C ASP A 20 -8.90 6.50 23.05
N LYS A 21 -8.03 5.57 23.47
CA LYS A 21 -6.60 5.54 23.15
C LYS A 21 -6.38 5.24 21.66
N GLU A 22 -6.07 6.29 20.88
CA GLU A 22 -5.81 6.27 19.44
C GLU A 22 -4.73 5.27 19.02
N LEU A 23 -4.74 4.82 17.76
CA LEU A 23 -3.76 3.88 17.22
C LEU A 23 -2.53 4.62 16.66
N GLY A 29 -6.40 13.73 10.80
CA GLY A 29 -7.12 13.47 12.04
C GLY A 29 -6.57 12.30 12.84
N THR A 30 -7.47 11.44 13.34
CA THR A 30 -7.08 10.30 14.18
C THR A 30 -7.52 8.95 13.58
N VAL A 31 -6.88 7.86 14.07
CA VAL A 31 -7.24 6.48 13.76
C VAL A 31 -7.54 5.83 15.09
N LYS A 32 -8.76 5.30 15.24
CA LYS A 32 -9.14 4.63 16.47
C LYS A 32 -9.52 3.21 16.20
N LYS A 33 -9.31 2.36 17.19
CA LYS A 33 -9.77 0.98 17.22
C LYS A 33 -11.20 1.01 17.71
N GLY A 34 -12.03 0.17 17.13
CA GLY A 34 -13.42 0.05 17.53
C GLY A 34 -13.99 -1.33 17.34
N TYR A 35 -15.25 -1.44 17.69
CA TYR A 35 -15.99 -2.70 17.59
C TYR A 35 -17.31 -2.33 16.94
N TYR A 36 -17.67 -3.04 15.85
CA TYR A 36 -18.90 -2.79 15.11
C TYR A 36 -19.79 -4.02 15.18
N GLN A 37 -21.01 -3.82 15.71
CA GLN A 37 -21.96 -4.91 15.88
C GLN A 37 -22.54 -5.30 14.52
N MET A 38 -22.15 -6.49 13.99
CA MET A 38 -22.68 -7.02 12.72
C MET A 38 -24.04 -7.68 12.99
N LYS A 39 -24.62 -8.40 12.02
CA LYS A 39 -25.93 -9.05 12.18
C LYS A 39 -25.96 -10.03 13.39
N LYS A 40 -24.81 -10.68 13.69
CA LYS A 40 -24.70 -11.59 14.83
C LYS A 40 -23.44 -11.28 15.64
N VAL A 41 -22.26 -11.45 15.06
CA VAL A 41 -21.01 -11.23 15.80
C VAL A 41 -20.60 -9.76 15.78
N VAL A 42 -19.68 -9.39 16.67
CA VAL A 42 -19.13 -8.03 16.62
C VAL A 42 -17.81 -8.16 15.87
N LYS A 43 -17.48 -7.17 15.04
CA LYS A 43 -16.25 -7.21 14.26
C LYS A 43 -15.32 -6.11 14.76
N THR A 44 -14.03 -6.46 14.94
CA THR A 44 -13.03 -5.48 15.37
C THR A 44 -12.68 -4.60 14.16
N VAL A 45 -12.73 -3.28 14.36
CA VAL A 45 -12.49 -2.35 13.26
C VAL A 45 -11.44 -1.29 13.59
N ALA A 46 -10.88 -0.68 12.53
CA ALA A 46 -9.98 0.46 12.58
C ALA A 46 -10.69 1.56 11.85
N VAL A 47 -10.77 2.73 12.48
CA VAL A 47 -11.58 3.80 11.96
C VAL A 47 -10.77 5.08 11.76
N LYS A 48 -10.82 5.66 10.54
CA LYS A 48 -10.20 6.96 10.25
C LYS A 48 -11.26 7.99 10.53
N ILE A 49 -10.95 8.98 11.39
CA ILE A 49 -11.90 9.98 11.84
C ILE A 49 -11.52 11.38 11.37
N LEU A 50 -12.49 12.08 10.75
CA LEU A 50 -12.37 13.46 10.27
C LEU A 50 -13.27 14.39 11.08
N LYS A 51 -12.75 15.59 11.38
CA LYS A 51 -13.46 16.66 12.09
C LYS A 51 -14.67 17.15 11.29
N ASN A 52 -15.77 17.42 12.00
CA ASN A 52 -16.98 17.91 11.34
C ASN A 52 -16.96 19.44 11.23
N GLU A 53 -16.52 20.15 12.29
CA GLU A 53 -16.50 21.62 12.34
C GLU A 53 -15.32 22.16 11.53
N ALA A 54 -14.07 22.15 12.11
CA ALA A 54 -12.83 22.56 11.43
C ALA A 54 -12.48 21.45 10.44
N ASN A 55 -13.34 21.27 9.43
N ASN A 55 -13.31 21.36 9.39
CA ASN A 55 -13.19 20.23 8.42
CA ASN A 55 -13.32 20.38 8.31
C ASN A 55 -12.35 20.73 7.24
C ASN A 55 -12.40 20.77 7.15
N ASP A 56 -11.62 19.80 6.62
CA ASP A 56 -10.81 20.06 5.45
C ASP A 56 -11.59 19.38 4.31
N PRO A 57 -12.21 20.14 3.37
CA PRO A 57 -13.00 19.49 2.31
C PRO A 57 -12.20 18.56 1.41
N ALA A 58 -10.90 18.85 1.21
CA ALA A 58 -10.04 18.01 0.38
C ALA A 58 -9.78 16.67 1.06
N LEU A 59 -9.67 16.67 2.41
CA LEU A 59 -9.50 15.44 3.19
C LEU A 59 -10.76 14.59 3.08
N LYS A 60 -11.95 15.21 3.30
CA LYS A 60 -13.26 14.58 3.15
C LYS A 60 -13.39 13.98 1.75
N ASP A 61 -13.00 14.73 0.69
CA ASP A 61 -13.07 14.23 -0.69
C ASP A 61 -12.17 13.02 -0.89
N GLU A 62 -10.97 13.02 -0.29
CA GLU A 62 -10.02 11.92 -0.42
C GLU A 62 -10.54 10.62 0.19
N LEU A 63 -11.13 10.69 1.38
CA LEU A 63 -11.63 9.51 2.07
C LEU A 63 -12.92 9.02 1.40
N LEU A 64 -13.73 9.95 0.82
CA LEU A 64 -14.91 9.55 0.04
C LEU A 64 -14.44 8.78 -1.21
N ALA A 65 -13.39 9.29 -1.89
CA ALA A 65 -12.79 8.66 -3.08
C ALA A 65 -12.22 7.28 -2.70
N GLU A 66 -11.56 7.22 -1.55
CA GLU A 66 -11.01 5.98 -1.05
C GLU A 66 -12.12 4.92 -0.85
N ALA A 67 -13.21 5.32 -0.18
CA ALA A 67 -14.37 4.46 0.05
C ALA A 67 -14.97 3.97 -1.28
N ASN A 68 -15.05 4.87 -2.30
CA ASN A 68 -15.56 4.51 -3.62
C ASN A 68 -14.70 3.41 -4.25
N VAL A 69 -13.36 3.51 -4.12
CA VAL A 69 -12.46 2.48 -4.63
C VAL A 69 -12.69 1.16 -3.86
N MET A 70 -12.66 1.21 -2.49
CA MET A 70 -12.80 0.03 -1.63
C MET A 70 -14.04 -0.78 -1.92
N GLN A 71 -15.16 -0.08 -2.17
CA GLN A 71 -16.48 -0.67 -2.50
C GLN A 71 -16.39 -1.61 -3.72
N GLN A 72 -15.43 -1.36 -4.63
CA GLN A 72 -15.28 -2.13 -5.86
C GLN A 72 -14.26 -3.27 -5.74
N LEU A 73 -13.56 -3.38 -4.60
CA LEU A 73 -12.50 -4.38 -4.43
C LEU A 73 -12.91 -5.51 -3.53
N ASP A 74 -12.46 -6.73 -3.89
CA ASP A 74 -12.72 -7.91 -3.11
C ASP A 74 -11.61 -8.92 -3.34
N ASN A 75 -10.66 -8.93 -2.42
CA ASN A 75 -9.52 -9.84 -2.50
C ASN A 75 -9.02 -10.14 -1.07
N PRO A 76 -8.52 -11.37 -0.80
CA PRO A 76 -8.05 -11.68 0.57
C PRO A 76 -6.85 -10.85 1.03
N TYR A 77 -6.11 -10.23 0.08
CA TYR A 77 -4.91 -9.46 0.41
C TYR A 77 -5.11 -7.93 0.32
N ILE A 78 -6.38 -7.51 0.40
CA ILE A 78 -6.73 -6.09 0.42
C ILE A 78 -7.67 -5.88 1.62
N VAL A 79 -7.37 -4.86 2.45
CA VAL A 79 -8.23 -4.57 3.61
C VAL A 79 -9.66 -4.33 3.14
N ARG A 80 -10.63 -4.92 3.87
CA ARG A 80 -12.05 -4.80 3.55
C ARG A 80 -12.65 -3.62 4.28
N MET A 81 -13.46 -2.83 3.56
CA MET A 81 -14.17 -1.72 4.15
C MET A 81 -15.49 -2.20 4.74
N ILE A 82 -15.82 -1.73 5.96
CA ILE A 82 -17.12 -2.00 6.59
C ILE A 82 -18.10 -0.95 6.07
N GLY A 83 -17.66 0.30 6.05
CA GLY A 83 -18.48 1.40 5.55
C GLY A 83 -18.11 2.75 6.12
N ILE A 84 -19.02 3.73 5.93
CA ILE A 84 -18.86 5.10 6.39
C ILE A 84 -19.87 5.38 7.48
N CYS A 85 -19.44 6.07 8.54
CA CYS A 85 -20.36 6.48 9.58
C CYS A 85 -20.29 8.00 9.71
N GLU A 86 -21.45 8.67 9.48
CA GLU A 86 -21.58 10.12 9.59
C GLU A 86 -22.20 10.42 10.95
N ALA A 87 -21.40 10.89 11.90
CA ALA A 87 -21.90 11.14 13.26
C ALA A 87 -21.24 12.40 13.87
N GLU A 88 -20.71 12.34 15.13
CA GLU A 88 -20.05 13.50 15.76
C GLU A 88 -18.81 13.91 14.96
N SER A 89 -18.36 13.00 14.09
CA SER A 89 -17.28 13.17 13.14
C SER A 89 -17.55 12.26 11.94
N TRP A 90 -16.84 12.46 10.83
CA TRP A 90 -16.99 11.63 9.65
C TRP A 90 -16.00 10.49 9.78
N MET A 91 -16.47 9.24 9.60
CA MET A 91 -15.65 8.06 9.87
C MET A 91 -15.61 7.06 8.74
N LEU A 92 -14.40 6.56 8.45
CA LEU A 92 -14.23 5.51 7.45
C LEU A 92 -13.84 4.25 8.22
N VAL A 93 -14.71 3.24 8.23
CA VAL A 93 -14.58 2.04 9.08
C VAL A 93 -14.10 0.85 8.27
N MET A 94 -12.92 0.30 8.66
CA MET A 94 -12.31 -0.87 8.01
C MET A 94 -12.19 -2.05 8.94
N GLU A 95 -12.09 -3.27 8.39
CA GLU A 95 -11.80 -4.44 9.22
C GLU A 95 -10.41 -4.26 9.79
N MET A 96 -10.24 -4.47 11.08
CA MET A 96 -8.95 -4.27 11.72
C MET A 96 -7.89 -5.35 11.38
N ALA A 97 -6.70 -4.90 10.90
CA ALA A 97 -5.52 -5.77 10.76
C ALA A 97 -4.69 -5.47 12.01
N GLU A 98 -4.91 -6.26 13.07
CA GLU A 98 -4.46 -6.06 14.46
C GLU A 98 -2.95 -5.77 14.62
N LEU A 99 -2.09 -6.39 13.82
CA LEU A 99 -0.65 -6.20 14.06
C LEU A 99 -0.09 -4.90 13.45
N GLY A 100 -0.87 -4.23 12.62
CA GLY A 100 -0.52 -2.93 12.08
C GLY A 100 0.52 -2.91 10.97
N PRO A 101 1.05 -1.69 10.71
CA PRO A 101 1.99 -1.50 9.58
C PRO A 101 3.20 -2.40 9.60
N LEU A 102 3.54 -2.93 8.41
CA LEU A 102 4.64 -3.86 8.21
C LEU A 102 6.00 -3.24 8.59
N ASN A 103 6.27 -1.98 8.22
CA ASN A 103 7.56 -1.35 8.53
C ASN A 103 7.77 -1.28 10.06
N LYS A 104 6.76 -0.82 10.80
CA LYS A 104 6.85 -0.75 12.28
C LYS A 104 7.02 -2.15 12.88
N TYR A 105 6.29 -3.14 12.35
CA TYR A 105 6.35 -4.51 12.86
C TYR A 105 7.77 -5.07 12.74
N LEU A 106 8.39 -4.86 11.58
CA LEU A 106 9.72 -5.38 11.31
C LEU A 106 10.81 -4.64 12.08
N GLN A 107 10.56 -3.36 12.42
CA GLN A 107 11.47 -2.56 13.25
C GLN A 107 11.51 -3.12 14.66
N GLN A 108 10.36 -3.64 15.14
CA GLN A 108 10.17 -4.18 16.49
C GLN A 108 10.41 -5.71 16.58
N ASN A 109 10.41 -6.40 15.44
CA ASN A 109 10.59 -7.86 15.34
C ASN A 109 11.64 -8.17 14.29
N ARG A 110 12.91 -8.11 14.73
CA ARG A 110 14.11 -8.28 13.91
C ARG A 110 14.51 -9.74 13.64
N HIS A 111 13.76 -10.73 14.16
CA HIS A 111 14.11 -12.14 13.94
C HIS A 111 13.09 -12.85 13.06
N VAL A 112 12.22 -12.07 12.36
CA VAL A 112 11.30 -12.69 11.41
C VAL A 112 12.19 -13.33 10.32
N LYS A 113 11.96 -14.62 10.03
CA LYS A 113 12.77 -15.39 9.07
C LYS A 113 12.53 -14.94 7.62
N ASP A 114 13.54 -15.16 6.76
CA ASP A 114 13.48 -14.84 5.32
C ASP A 114 12.24 -15.42 4.66
N LYS A 115 11.93 -16.72 4.91
CA LYS A 115 10.79 -17.43 4.34
C LYS A 115 9.49 -16.67 4.66
N ASN A 116 9.41 -16.16 5.90
CA ASN A 116 8.26 -15.42 6.42
C ASN A 116 8.15 -14.04 5.73
N ILE A 117 9.27 -13.33 5.56
CA ILE A 117 9.22 -12.04 4.84
C ILE A 117 8.80 -12.30 3.39
N ILE A 118 9.34 -13.36 2.76
CA ILE A 118 8.97 -13.71 1.36
C ILE A 118 7.47 -14.01 1.29
N GLU A 119 6.93 -14.74 2.29
CA GLU A 119 5.50 -15.07 2.33
C GLU A 119 4.67 -13.78 2.33
N LEU A 120 5.08 -12.82 3.17
CA LEU A 120 4.34 -11.57 3.33
C LEU A 120 4.36 -10.73 2.06
N VAL A 121 5.54 -10.57 1.47
CA VAL A 121 5.63 -9.77 0.25
C VAL A 121 4.95 -10.53 -0.93
N HIS A 122 4.90 -11.89 -0.88
CA HIS A 122 4.20 -12.66 -1.91
C HIS A 122 2.69 -12.34 -1.81
N GLN A 123 2.17 -12.29 -0.57
CA GLN A 123 0.76 -11.91 -0.36
C GLN A 123 0.47 -10.52 -0.92
N VAL A 124 1.35 -9.55 -0.67
CA VAL A 124 1.18 -8.22 -1.25
C VAL A 124 1.16 -8.33 -2.79
N SER A 125 2.06 -9.16 -3.38
CA SER A 125 2.12 -9.30 -4.84
C SER A 125 0.82 -9.93 -5.38
N MET A 126 0.19 -10.82 -4.58
CA MET A 126 -1.08 -11.44 -4.96
C MET A 126 -2.23 -10.40 -4.95
N GLY A 127 -2.26 -9.57 -3.90
CA GLY A 127 -3.25 -8.48 -3.86
C GLY A 127 -3.03 -7.49 -5.01
N MET A 128 -1.76 -7.23 -5.39
CA MET A 128 -1.42 -6.27 -6.45
C MET A 128 -1.68 -6.85 -7.83
N LYS A 129 -1.49 -8.16 -7.99
CA LYS A 129 -1.83 -8.88 -9.22
C LYS A 129 -3.34 -8.73 -9.47
N TYR A 130 -4.15 -8.83 -8.39
CA TYR A 130 -5.60 -8.61 -8.47
C TYR A 130 -5.88 -7.16 -8.83
N LEU A 131 -5.24 -6.20 -8.12
CA LEU A 131 -5.49 -4.79 -8.42
C LEU A 131 -5.16 -4.46 -9.88
N GLU A 132 -4.07 -5.04 -10.40
CA GLU A 132 -3.62 -4.85 -11.78
C GLU A 132 -4.67 -5.40 -12.74
N GLU A 133 -5.19 -6.61 -12.43
CA GLU A 133 -6.23 -7.29 -13.22
C GLU A 133 -7.50 -6.40 -13.27
N SER A 134 -7.79 -5.74 -12.14
CA SER A 134 -8.94 -4.87 -11.90
C SER A 134 -8.73 -3.49 -12.50
N ASN A 135 -7.52 -3.24 -13.01
CA ASN A 135 -7.14 -1.97 -13.65
C ASN A 135 -7.35 -0.75 -12.71
N PHE A 136 -6.89 -0.89 -11.46
CA PHE A 136 -6.74 0.19 -10.50
C PHE A 136 -5.26 0.37 -10.25
N VAL A 137 -4.82 1.61 -10.07
CA VAL A 137 -3.42 1.84 -9.66
C VAL A 137 -3.45 2.27 -8.21
N HIS A 138 -2.51 1.79 -7.37
CA HIS A 138 -2.52 2.07 -5.94
C HIS A 138 -1.94 3.45 -5.66
N ARG A 139 -0.73 3.72 -6.17
CA ARG A 139 -0.06 5.03 -6.09
C ARG A 139 0.47 5.38 -4.69
N ASP A 140 0.47 4.44 -3.72
CA ASP A 140 1.09 4.70 -2.43
C ASP A 140 1.53 3.38 -1.83
N LEU A 141 2.13 2.52 -2.70
CA LEU A 141 2.52 1.17 -2.29
C LEU A 141 3.86 1.16 -1.55
N ALA A 142 3.79 1.25 -0.23
CA ALA A 142 4.94 1.32 0.65
C ALA A 142 4.75 0.37 1.84
N ALA A 143 5.85 0.00 2.55
CA ALA A 143 5.72 -0.95 3.68
C ALA A 143 4.75 -0.42 4.77
N ARG A 144 4.70 0.90 5.00
N ARG A 144 4.69 0.91 4.98
CA ARG A 144 3.80 1.47 6.00
CA ARG A 144 3.81 1.53 5.99
C ARG A 144 2.32 1.13 5.69
C ARG A 144 2.32 1.30 5.66
N ASN A 145 1.99 0.98 4.39
CA ASN A 145 0.61 0.72 3.94
C ASN A 145 0.27 -0.76 3.82
N VAL A 146 1.21 -1.66 4.19
CA VAL A 146 0.94 -3.08 4.28
C VAL A 146 0.62 -3.30 5.74
N LEU A 147 -0.57 -3.86 6.04
CA LEU A 147 -0.97 -4.10 7.44
C LEU A 147 -1.03 -5.59 7.71
N LEU A 148 -0.56 -5.99 8.89
CA LEU A 148 -0.53 -7.40 9.22
C LEU A 148 -1.76 -7.82 10.01
N VAL A 149 -2.42 -8.85 9.50
CA VAL A 149 -3.55 -9.51 10.14
C VAL A 149 -2.99 -10.43 11.23
N THR A 150 -1.94 -11.17 10.83
CA THR A 150 -1.11 -12.03 11.67
C THR A 150 0.31 -11.88 11.16
N GLN A 151 1.29 -12.52 11.84
CA GLN A 151 2.67 -12.48 11.37
C GLN A 151 2.80 -13.25 10.02
N HIS A 152 1.73 -13.99 9.59
CA HIS A 152 1.73 -14.77 8.33
C HIS A 152 0.60 -14.36 7.38
N TYR A 153 0.06 -13.12 7.54
CA TYR A 153 -1.02 -12.70 6.67
C TYR A 153 -1.02 -11.17 6.55
N ALA A 154 -0.62 -10.70 5.36
CA ALA A 154 -0.55 -9.29 5.04
C ALA A 154 -1.69 -8.86 4.14
N LYS A 155 -2.13 -7.61 4.31
CA LYS A 155 -3.15 -6.97 3.49
C LYS A 155 -2.68 -5.56 3.06
N ILE A 156 -3.04 -5.16 1.84
CA ILE A 156 -2.74 -3.82 1.32
C ILE A 156 -3.80 -2.86 1.81
N SER A 157 -3.37 -1.67 2.22
CA SER A 157 -4.27 -0.62 2.71
C SER A 157 -3.95 0.73 2.05
N ASP A 158 -4.69 1.77 2.47
CA ASP A 158 -4.51 3.16 2.08
C ASP A 158 -4.63 3.36 0.59
N PHE A 159 -5.86 3.38 0.13
CA PHE A 159 -6.17 3.60 -1.28
C PHE A 159 -6.54 5.09 -1.53
N GLY A 160 -6.05 5.99 -0.66
CA GLY A 160 -6.33 7.43 -0.77
C GLY A 160 -5.85 8.09 -2.04
N LEU A 161 -4.80 7.56 -2.67
CA LEU A 161 -4.28 8.10 -3.92
C LEU A 161 -4.61 7.18 -5.12
N SER A 162 -5.37 6.07 -4.88
N SER A 162 -5.37 6.10 -4.88
N SER A 162 -5.35 6.09 -4.87
CA SER A 162 -5.73 5.06 -5.88
CA SER A 162 -5.69 5.10 -5.91
CA SER A 162 -5.67 5.12 -5.93
C SER A 162 -6.68 5.60 -6.95
C SER A 162 -6.68 5.60 -6.95
C SER A 162 -6.57 5.70 -7.00
N LYS A 163 -6.47 5.15 -8.21
CA LYS A 163 -7.26 5.59 -9.36
C LYS A 163 -7.76 4.43 -10.20
N ALA A 164 -9.00 4.51 -10.64
CA ALA A 164 -9.58 3.54 -11.57
C ALA A 164 -9.11 3.97 -12.98
N LEU A 165 -8.38 3.09 -13.69
CA LEU A 165 -7.86 3.47 -15.00
C LEU A 165 -8.97 3.64 -16.04
N ARG A 166 -8.79 4.59 -16.98
CA ARG A 166 -9.76 4.73 -18.07
C ARG A 166 -9.78 3.45 -18.90
N ALA A 167 -10.86 3.20 -19.62
CA ALA A 167 -10.96 1.99 -20.43
C ALA A 167 -9.98 1.94 -21.61
N ASP A 168 -9.47 3.09 -22.07
CA ASP A 168 -8.62 3.13 -23.28
C ASP A 168 -7.14 3.39 -22.96
N GLU A 169 -6.76 3.47 -21.66
CA GLU A 169 -5.35 3.71 -21.30
C GLU A 169 -4.89 2.78 -20.20
N ASN A 170 -3.57 2.49 -20.15
CA ASN A 170 -3.07 1.66 -19.05
C ASN A 170 -2.41 2.57 -17.99
N PTR A 171 -2.65 3.89 -18.06
CA PTR A 171 -2.07 4.80 -17.10
C PTR A 171 -3.02 5.93 -16.69
O PTR A 171 -3.94 6.29 -17.45
CB PTR A 171 -0.67 5.38 -17.54
CG PTR A 171 -0.85 6.27 -18.78
CD1 PTR A 171 -0.85 5.68 -20.06
CD2 PTR A 171 -1.09 7.65 -18.62
CE1 PTR A 171 -1.05 6.49 -21.21
CE2 PTR A 171 -1.28 8.47 -19.79
CZ PTR A 171 -1.23 7.90 -21.09
OH PTR A 171 -1.50 8.70 -22.17
P PTR A 171 -0.43 9.07 -23.20
O1P PTR A 171 -1.11 10.02 -24.22
O2P PTR A 171 0.09 7.81 -23.94
O3P PTR A 171 0.78 9.69 -22.47
N PTR A 172 -2.78 6.45 -15.48
CA PTR A 172 -3.48 7.63 -14.97
C PTR A 172 -2.48 8.78 -15.12
O PTR A 172 -1.32 8.64 -14.72
CB PTR A 172 -3.83 7.47 -13.49
CG PTR A 172 -4.22 8.82 -12.81
CD1 PTR A 172 -5.48 9.37 -13.00
CD2 PTR A 172 -3.32 9.43 -11.94
CE1 PTR A 172 -5.86 10.57 -12.35
CE2 PTR A 172 -3.70 10.62 -11.28
CZ PTR A 172 -4.98 11.22 -11.49
OH PTR A 172 -5.28 12.42 -10.82
P PTR A 172 -6.68 13.14 -10.97
O1P PTR A 172 -6.54 14.50 -10.24
O2P PTR A 172 -7.11 13.46 -12.41
O3P PTR A 172 -7.82 12.35 -10.32
N LYS A 173 -2.91 9.86 -15.73
CA LYS A 173 -2.07 11.03 -15.96
C LYS A 173 -2.42 12.11 -14.96
N ALA A 174 -1.49 12.42 -14.05
CA ALA A 174 -1.68 13.53 -13.10
C ALA A 174 -1.35 14.83 -13.85
N GLN A 175 -2.06 15.94 -13.57
CA GLN A 175 -1.86 17.23 -14.24
C GLN A 175 -0.41 17.73 -14.13
N THR A 176 0.20 17.56 -12.95
CA THR A 176 1.57 17.94 -12.61
C THR A 176 1.93 17.19 -11.31
N HIS A 177 3.12 17.49 -10.72
CA HIS A 177 3.53 16.85 -9.47
C HIS A 177 2.74 17.46 -8.29
N GLY A 178 2.16 16.58 -7.46
CA GLY A 178 1.43 16.96 -6.25
C GLY A 178 2.38 16.85 -5.08
N LYS A 179 1.87 16.46 -3.90
CA LYS A 179 2.71 16.15 -2.74
C LYS A 179 2.68 14.66 -2.69
N TRP A 180 3.74 14.07 -3.15
CA TRP A 180 3.76 12.63 -3.34
C TRP A 180 4.85 11.88 -2.56
N PRO A 181 4.66 10.54 -2.40
CA PRO A 181 5.70 9.70 -1.77
C PRO A 181 6.76 9.36 -2.83
N VAL A 182 7.50 10.39 -3.25
CA VAL A 182 8.46 10.34 -4.35
C VAL A 182 9.52 9.24 -4.20
N LYS A 183 9.94 8.91 -2.96
CA LYS A 183 10.95 7.85 -2.80
C LYS A 183 10.38 6.46 -3.22
N TRP A 184 9.06 6.32 -3.38
CA TRP A 184 8.45 5.07 -3.84
C TRP A 184 8.01 5.13 -5.31
N TYR A 185 8.22 6.28 -5.99
CA TYR A 185 7.72 6.45 -7.33
C TYR A 185 8.71 6.14 -8.43
N ALA A 186 8.17 5.53 -9.48
CA ALA A 186 8.97 5.17 -10.67
C ALA A 186 9.36 6.45 -11.44
N PRO A 187 10.42 6.39 -12.27
CA PRO A 187 10.85 7.59 -13.02
C PRO A 187 9.75 8.21 -13.90
N GLU A 188 8.87 7.39 -14.53
CA GLU A 188 7.81 7.92 -15.40
C GLU A 188 6.79 8.73 -14.60
N CYS A 189 6.63 8.41 -13.29
CA CYS A 189 5.74 9.13 -12.39
C CYS A 189 6.33 10.52 -12.11
N ILE A 190 7.60 10.55 -11.74
CA ILE A 190 8.32 11.79 -11.43
C ILE A 190 8.46 12.66 -12.67
N ASN A 191 8.90 12.06 -13.78
CA ASN A 191 9.20 12.82 -14.99
C ASN A 191 8.00 13.18 -15.86
N TYR A 192 6.98 12.29 -15.98
CA TYR A 192 5.85 12.50 -16.89
C TYR A 192 4.49 12.45 -16.20
N TYR A 193 4.45 12.22 -14.85
CA TYR A 193 3.25 12.16 -14.01
C TYR A 193 2.28 11.05 -14.49
N LYS A 194 2.84 9.95 -15.04
CA LYS A 194 2.06 8.82 -15.56
C LYS A 194 2.16 7.66 -14.58
N PHE A 195 1.01 7.12 -14.19
CA PHE A 195 0.94 6.08 -13.18
C PHE A 195 0.25 4.86 -13.73
N SER A 196 0.98 3.75 -13.82
CA SER A 196 0.43 2.49 -14.33
C SER A 196 0.61 1.41 -13.29
N SER A 197 0.14 0.18 -13.57
CA SER A 197 0.42 -0.92 -12.66
C SER A 197 1.94 -1.17 -12.64
N LYS A 198 2.64 -0.88 -13.77
CA LYS A 198 4.11 -1.00 -13.79
C LYS A 198 4.73 -0.01 -12.80
N SER A 199 4.13 1.19 -12.66
CA SER A 199 4.63 2.18 -11.68
C SER A 199 4.49 1.58 -10.28
N ASP A 200 3.37 0.88 -10.01
CA ASP A 200 3.21 0.21 -8.71
C ASP A 200 4.24 -0.91 -8.51
N VAL A 201 4.68 -1.58 -9.61
CA VAL A 201 5.72 -2.65 -9.51
C VAL A 201 7.01 -1.98 -8.99
N TRP A 202 7.36 -0.78 -9.53
CA TRP A 202 8.55 -0.10 -9.01
C TRP A 202 8.39 0.13 -7.50
N SER A 203 7.24 0.71 -7.06
CA SER A 203 6.99 0.95 -5.64
C SER A 203 7.12 -0.36 -4.85
N PHE A 204 6.61 -1.45 -5.43
CA PHE A 204 6.69 -2.78 -4.80
C PHE A 204 8.19 -3.18 -4.59
N GLY A 205 9.08 -2.81 -5.52
CA GLY A 205 10.51 -3.07 -5.33
C GLY A 205 11.05 -2.35 -4.10
N VAL A 206 10.63 -1.07 -3.94
CA VAL A 206 11.04 -0.28 -2.74
C VAL A 206 10.45 -0.92 -1.47
N LEU A 207 9.18 -1.31 -1.54
CA LEU A 207 8.51 -2.01 -0.42
C LEU A 207 9.33 -3.28 -0.03
N MET A 208 9.77 -4.08 -1.02
CA MET A 208 10.59 -5.28 -0.77
C MET A 208 11.87 -4.89 -0.04
N TRP A 209 12.53 -3.83 -0.51
CA TRP A 209 13.76 -3.34 0.13
C TRP A 209 13.46 -3.02 1.59
N GLU A 210 12.34 -2.30 1.85
CA GLU A 210 11.97 -1.96 3.21
C GLU A 210 11.80 -3.22 4.08
N ALA A 211 11.08 -4.21 3.54
CA ALA A 211 10.79 -5.43 4.28
C ALA A 211 12.04 -6.24 4.60
N PHE A 212 13.03 -6.24 3.71
CA PHE A 212 14.26 -6.97 3.98
C PHE A 212 15.30 -6.13 4.76
N SER A 213 14.98 -4.85 5.04
CA SER A 213 15.82 -3.89 5.78
C SER A 213 15.18 -3.55 7.12
N TYR A 214 14.29 -4.44 7.55
CA TYR A 214 13.52 -4.43 8.79
C TYR A 214 12.91 -3.04 9.06
N GLY A 215 12.21 -2.58 8.04
CA GLY A 215 11.44 -1.34 8.11
C GLY A 215 12.25 -0.06 8.10
N GLN A 216 13.49 -0.10 7.63
CA GLN A 216 14.28 1.12 7.49
C GLN A 216 13.72 1.96 6.32
N LYS A 217 13.91 3.28 6.39
CA LYS A 217 13.41 4.16 5.32
C LYS A 217 14.29 4.06 4.09
N PRO A 218 13.71 4.03 2.87
CA PRO A 218 14.56 3.95 1.66
C PRO A 218 15.24 5.30 1.40
N TYR A 219 16.37 5.27 0.67
CA TYR A 219 17.12 6.46 0.28
C TYR A 219 17.39 7.38 1.49
N ARG A 220 17.85 6.80 2.57
CA ARG A 220 18.17 7.52 3.81
C ARG A 220 19.01 8.76 3.55
N GLY A 221 18.60 9.89 4.11
CA GLY A 221 19.33 11.16 4.04
C GLY A 221 19.34 11.89 2.71
N MET A 222 18.59 11.39 1.72
CA MET A 222 18.62 12.01 0.39
C MET A 222 17.36 12.83 0.15
N LYS A 223 17.49 13.92 -0.62
CA LYS A 223 16.33 14.69 -1.04
C LYS A 223 15.71 13.98 -2.23
N GLY A 224 14.42 14.22 -2.46
CA GLY A 224 13.72 13.68 -3.63
C GLY A 224 14.46 13.97 -4.93
N SER A 225 14.98 15.22 -5.11
CA SER A 225 15.73 15.60 -6.32
C SER A 225 17.02 14.76 -6.47
N GLU A 226 17.67 14.42 -5.35
CA GLU A 226 18.91 13.62 -5.35
C GLU A 226 18.61 12.16 -5.72
N VAL A 227 17.45 11.66 -5.29
CA VAL A 227 16.97 10.31 -5.63
C VAL A 227 16.74 10.23 -7.14
N THR A 228 16.07 11.25 -7.71
CA THR A 228 15.76 11.28 -9.14
C THR A 228 17.06 11.23 -9.95
N ALA A 229 18.08 12.04 -9.57
CA ALA A 229 19.38 12.09 -10.26
C ALA A 229 20.11 10.74 -10.11
N MET A 230 20.07 10.13 -8.90
CA MET A 230 20.69 8.82 -8.66
C MET A 230 20.11 7.75 -9.61
N LEU A 231 18.77 7.68 -9.69
CA LEU A 231 18.07 6.69 -10.51
C LEU A 231 18.34 6.91 -12.02
N GLU A 232 18.36 8.18 -12.46
CA GLU A 232 18.62 8.49 -13.87
C GLU A 232 20.03 7.99 -14.29
N LYS A 233 21.00 8.06 -13.36
CA LYS A 233 22.38 7.58 -13.56
C LYS A 233 22.49 6.02 -13.57
N GLY A 234 21.36 5.32 -13.37
CA GLY A 234 21.33 3.86 -13.32
C GLY A 234 21.79 3.29 -11.99
N GLU A 235 21.83 4.13 -10.94
CA GLU A 235 22.27 3.68 -9.62
C GLU A 235 21.04 3.28 -8.80
N ARG A 236 21.22 2.29 -7.92
CA ARG A 236 20.13 1.76 -7.10
C ARG A 236 20.57 1.49 -5.66
N MET A 237 19.58 1.35 -4.73
CA MET A 237 19.94 1.00 -3.37
C MET A 237 20.63 -0.35 -3.34
N GLY A 238 21.63 -0.45 -2.48
CA GLY A 238 22.39 -1.68 -2.30
C GLY A 238 21.59 -2.78 -1.64
N CYS A 239 22.16 -3.99 -1.61
CA CYS A 239 21.50 -5.16 -1.05
C CYS A 239 21.43 -5.07 0.47
N PRO A 240 20.22 -5.15 1.08
CA PRO A 240 20.16 -5.11 2.55
C PRO A 240 20.97 -6.25 3.16
N ALA A 241 21.60 -5.98 4.32
CA ALA A 241 22.40 -6.97 5.02
C ALA A 241 21.56 -8.22 5.25
N GLY A 242 22.08 -9.35 4.80
CA GLY A 242 21.43 -10.65 4.97
C GLY A 242 20.25 -10.90 4.07
N CYS A 243 19.94 -9.98 3.14
CA CYS A 243 18.81 -10.19 2.24
C CYS A 243 19.09 -11.34 1.26
N PRO A 244 18.15 -12.31 1.09
CA PRO A 244 18.39 -13.38 0.10
C PRO A 244 18.73 -12.78 -1.27
N ARG A 245 19.78 -13.29 -1.93
CA ARG A 245 20.24 -12.76 -3.22
C ARG A 245 19.10 -12.72 -4.27
N GLU A 246 18.28 -13.79 -4.35
CA GLU A 246 17.15 -13.91 -5.28
C GLU A 246 16.15 -12.75 -5.06
N MET A 247 15.99 -12.31 -3.81
CA MET A 247 15.05 -11.24 -3.50
C MET A 247 15.59 -9.88 -3.93
N TYR A 248 16.91 -9.68 -3.76
CA TYR A 248 17.56 -8.45 -4.18
C TYR A 248 17.52 -8.36 -5.70
N ASP A 249 17.71 -9.50 -6.40
CA ASP A 249 17.64 -9.54 -7.85
C ASP A 249 16.23 -9.13 -8.30
N LEU A 250 15.20 -9.60 -7.59
CA LEU A 250 13.82 -9.27 -7.93
C LEU A 250 13.60 -7.75 -7.70
N MET A 251 14.20 -7.18 -6.65
CA MET A 251 14.09 -5.73 -6.43
C MET A 251 14.66 -4.99 -7.63
N ASN A 252 15.84 -5.41 -8.13
CA ASN A 252 16.44 -4.72 -9.27
C ASN A 252 15.59 -4.85 -10.52
N LEU A 253 14.89 -5.98 -10.71
CA LEU A 253 14.02 -6.12 -11.87
C LEU A 253 12.82 -5.17 -11.72
N CYS A 254 12.30 -5.05 -10.49
CA CYS A 254 11.20 -4.10 -10.23
C CYS A 254 11.63 -2.67 -10.56
N TRP A 255 12.91 -2.36 -10.32
CA TRP A 255 13.50 -1.06 -10.57
C TRP A 255 14.06 -0.94 -12.01
N THR A 256 13.38 -1.55 -12.99
CA THR A 256 13.73 -1.39 -14.40
C THR A 256 13.29 0.01 -14.81
N TYR A 257 14.24 0.83 -15.34
CA TYR A 257 13.94 2.23 -15.67
C TYR A 257 12.81 2.34 -16.69
N ASP A 258 12.96 1.66 -17.82
CA ASP A 258 12.00 1.66 -18.93
C ASP A 258 10.76 0.90 -18.51
N VAL A 259 9.61 1.60 -18.51
CA VAL A 259 8.33 1.05 -18.10
C VAL A 259 7.94 -0.18 -18.97
N GLU A 260 8.25 -0.17 -20.28
CA GLU A 260 7.87 -1.29 -21.16
C GLU A 260 8.65 -2.58 -20.85
N ASN A 261 9.91 -2.49 -20.36
CA ASN A 261 10.73 -3.65 -20.04
C ASN A 261 10.59 -4.12 -18.57
N ARG A 262 9.93 -3.30 -17.73
CA ARG A 262 9.69 -3.66 -16.35
C ARG A 262 8.60 -4.72 -16.28
N PRO A 263 8.68 -5.68 -15.34
CA PRO A 263 7.60 -6.68 -15.27
C PRO A 263 6.31 -6.09 -14.70
N GLY A 264 5.20 -6.74 -15.01
CA GLY A 264 3.92 -6.47 -14.37
C GLY A 264 3.80 -7.36 -13.15
N PHE A 265 2.72 -7.22 -12.38
CA PHE A 265 2.56 -8.01 -11.15
C PHE A 265 2.36 -9.52 -11.42
N ALA A 266 1.84 -9.92 -12.59
CA ALA A 266 1.71 -11.36 -12.87
C ALA A 266 3.11 -12.00 -12.82
N ALA A 267 4.08 -11.37 -13.50
CA ALA A 267 5.46 -11.85 -13.54
C ALA A 267 6.12 -11.79 -12.17
N VAL A 268 5.90 -10.71 -11.40
CA VAL A 268 6.50 -10.52 -10.07
C VAL A 268 5.95 -11.56 -9.09
N GLU A 269 4.61 -11.78 -9.10
CA GLU A 269 3.97 -12.72 -8.20
C GLU A 269 4.54 -14.15 -8.38
N LEU A 270 4.82 -14.56 -9.63
CA LEU A 270 5.40 -15.88 -9.91
C LEU A 270 6.75 -16.05 -9.18
N ARG A 271 7.56 -14.98 -9.19
CA ARG A 271 8.90 -14.99 -8.62
C ARG A 271 8.91 -15.00 -7.10
N LEU A 272 7.75 -14.83 -6.45
CA LEU A 272 7.67 -14.87 -4.98
C LEU A 272 7.04 -16.16 -4.44
N ARG A 273 6.71 -17.09 -5.35
CA ARG A 273 6.10 -18.37 -4.93
C ARG A 273 7.16 -19.33 -4.34
N ASN A 274 6.82 -20.08 -3.28
CA ASN A 274 7.79 -21.00 -2.66
C ASN A 274 7.42 -22.45 -2.98
N TYR A 275 7.05 -22.69 -4.25
CA TYR A 275 6.66 -24.01 -4.73
C TYR A 275 6.90 -24.06 -6.24
N TYR A 276 7.08 -25.27 -6.79
CA TYR A 276 7.31 -25.38 -8.23
C TYR A 276 6.05 -24.96 -9.03
N TYR A 277 6.26 -24.29 -10.16
CA TYR A 277 5.14 -23.82 -11.00
C TYR A 277 5.56 -23.73 -12.46
N ASP A 278 4.56 -23.59 -13.34
CA ASP A 278 4.75 -23.32 -14.76
C ASP A 278 4.30 -21.89 -15.10
N VAL A 279 5.02 -21.21 -16.02
CA VAL A 279 4.69 -19.85 -16.46
C VAL A 279 3.64 -19.95 -17.58
F1 4DT B . -7.79 -0.16 7.61
C23 4DT B . -7.04 -0.46 8.67
C10 4DT B . -6.24 0.53 9.34
N1 4DT B . -6.19 1.88 8.98
C3 4DT B . -7.21 2.50 8.22
C9 4DT B . -6.96 2.91 6.91
C8 4DT B . -5.80 2.83 6.09
N3 4DT B . -6.06 3.39 4.91
N2 4DT B . -7.36 3.79 4.96
C7 4DT B . -7.95 3.55 6.16
C6 4DT B . -9.19 3.80 6.67
C5 4DT B . -9.44 3.41 7.98
C4 4DT B . -8.48 2.72 8.74
C2 4DT B . -5.09 2.77 9.45
C1 4DT B . -3.71 2.35 8.93
C22 4DT B . -7.03 -1.74 9.16
N8 4DT B . -6.26 -2.08 10.20
C11 4DT B . -5.53 -1.12 10.79
N4 4DT B . -5.51 0.16 10.41
N5 4DT B . -4.72 -1.56 11.79
C12 4DT B . -3.73 -0.95 12.56
C21 4DT B . -3.11 0.29 12.23
C20 4DT B . -2.17 0.83 13.07
C15 4DT B . -1.75 0.13 14.25
C14 4DT B . -2.35 -1.10 14.58
C13 4DT B . -3.36 -1.62 13.74
N7 4DT B . -1.39 1.97 13.00
N6 4DT B . -0.54 2.03 14.07
C16 4DT B . -0.76 0.95 14.85
C17 4DT B . -1.37 3.02 11.96
C18 4DT B . -2.22 4.24 12.34
C19 4DT B . -2.38 5.27 11.21
O1 4DT B . -1.27 6.16 11.15
H10 4DT B . -4.87 2.36 6.31
H9 4DT B . -7.77 4.32 4.27
H8 4DT B . -9.93 4.31 6.08
H7 4DT B . -10.41 3.58 8.39
H6 4DT B . -8.71 2.45 9.75
H__4 4DT B . -5.30 3.79 9.14
H__5 4DT B . -5.11 2.78 10.54
H__1 4DT B . -2.95 3.03 9.28
H__2 4DT B . -3.64 2.41 7.85
H__3 4DT B . -3.40 1.34 9.20
H24 4DT B . -7.58 -2.50 8.63
H11 4DT B . -4.93 -2.50 12.02
H23 4DT B . -3.33 0.87 11.36
H13 4DT B . -2.08 -1.59 15.50
H12 4DT B . -3.80 -2.57 14.02
H15 4DT B . 0.04 2.78 14.30
H14 4DT B . -0.24 0.74 15.76
H1_7 4DT B . -0.33 3.33 11.81
H1_6 4DT B . -1.67 2.61 11.00
H1_8 4DT B . -1.76 4.73 13.20
H1_9 4DT B . -3.21 3.90 12.68
H2_0 4DT B . -3.29 5.83 11.36
H2_1 4DT B . -2.46 4.74 10.26
H22 4DT B . -1.38 6.77 10.43
#